data_6Z9K
#
_entry.id   6Z9K
#
_cell.length_a   83.874
_cell.length_b   35.998
_cell.length_c   84.854
_cell.angle_alpha   90.000
_cell.angle_beta   114.470
_cell.angle_gamma   90.000
#
_symmetry.space_group_name_H-M   'P 1 21 1'
#
loop_
_entity.id
_entity.type
_entity.pdbx_description
1 polymer PrgA
2 non-polymer 'MAGNESIUM ION'
3 non-polymer '4-(2-HYDROXYETHYL)-1-PIPERAZINE ETHANESULFONIC ACID'
4 water water
#
_entity_poly.entity_id   1
_entity_poly.type   'polypeptide(L)'
_entity_poly.pdbx_seq_one_letter_code
;MTLDNSKEELKGHKGINLPPKFSADYDTKLSAEEIATLEKTALEMNKNFPTSKEDEKNKDVMWDIQHLSADQKKELSVYT
TELLNDVRKKLGLSQLSVSDQSIKFAWDIAKYSDTGEYMHDVIAINKAAKENGFKEYPGMNYYENLGGGYYETENGKVSK
YTLQESIRKMLVNMLFDDGRLGYSHLHSLLQDGKTALGVSLSGEKNSISPKIHIISYGKEKLEDSSQYQNGEVASMKSKE
ELQQEIASN
;
_entity_poly.pdbx_strand_id   A,B
#
# COMPACT_ATOMS: atom_id res chain seq x y z
N GLU A 8 -6.03 21.49 6.44
CA GLU A 8 -4.74 20.85 6.80
C GLU A 8 -4.11 20.13 5.61
N GLU A 9 -2.80 19.94 5.70
CA GLU A 9 -1.90 19.35 4.68
C GLU A 9 -2.37 17.93 4.30
N LEU A 10 -2.81 17.14 5.27
CA LEU A 10 -3.08 15.71 5.03
C LEU A 10 -4.45 15.56 4.37
N LYS A 11 -5.49 16.27 4.82
CA LYS A 11 -6.85 16.13 4.19
C LYS A 11 -6.79 16.57 2.71
N GLY A 12 -5.92 17.52 2.40
CA GLY A 12 -5.76 18.10 1.04
C GLY A 12 -4.70 17.38 0.22
N HIS A 13 -3.99 16.41 0.80
CA HIS A 13 -2.85 15.73 0.12
C HIS A 13 -3.44 14.96 -1.04
N LYS A 14 -2.92 15.18 -2.25
CA LYS A 14 -3.57 14.65 -3.48
C LYS A 14 -2.90 13.37 -3.97
N GLY A 15 -2.00 12.79 -3.18
CA GLY A 15 -1.33 11.54 -3.54
C GLY A 15 -2.33 10.46 -3.90
N ILE A 16 -1.99 9.68 -4.90
CA ILE A 16 -2.83 8.55 -5.34
C ILE A 16 -2.68 7.40 -4.36
N ASN A 17 -3.77 6.85 -3.94
CA ASN A 17 -3.73 5.76 -2.92
C ASN A 17 -3.57 4.42 -3.65
N LEU A 18 -2.47 3.71 -3.40
CA LEU A 18 -2.22 2.48 -4.16
C LEU A 18 -2.89 1.34 -3.43
N PRO A 19 -3.51 0.43 -4.21
CA PRO A 19 -4.13 -0.76 -3.62
C PRO A 19 -3.10 -1.85 -3.39
N PRO A 20 -3.40 -2.85 -2.54
CA PRO A 20 -2.54 -4.02 -2.45
C PRO A 20 -2.40 -4.73 -3.80
N LYS A 21 -1.21 -5.27 -4.05
CA LYS A 21 -0.85 -6.04 -5.25
C LYS A 21 -0.71 -5.16 -6.47
N PHE A 22 -0.60 -3.85 -6.30
CA PHE A 22 -0.33 -2.96 -7.45
C PHE A 22 1.08 -3.17 -7.97
N SER A 23 1.22 -3.13 -9.31
CA SER A 23 2.52 -3.17 -10.01
C SER A 23 2.31 -2.59 -11.40
N ALA A 24 3.40 -2.26 -12.08
CA ALA A 24 3.33 -1.62 -13.40
C ALA A 24 2.74 -2.61 -14.42
N ASP A 25 2.64 -3.89 -14.07
CA ASP A 25 2.17 -4.92 -15.03
C ASP A 25 1.14 -5.81 -14.34
N TYR A 26 0.32 -5.24 -13.45
CA TYR A 26 -0.65 -6.05 -12.66
C TYR A 26 -1.60 -6.79 -13.63
N ASP A 27 -1.84 -6.22 -14.82
CA ASP A 27 -2.80 -6.82 -15.78
C ASP A 27 -2.35 -8.21 -16.24
N THR A 28 -1.06 -8.52 -16.18
CA THR A 28 -0.53 -9.85 -16.54
C THR A 28 -0.04 -10.61 -15.32
N LYS A 29 0.31 -9.92 -14.22
CA LYS A 29 0.80 -10.64 -13.04
C LYS A 29 -0.36 -11.25 -12.26
N LEU A 30 -1.51 -10.62 -12.22
CA LEU A 30 -2.63 -10.99 -11.35
C LEU A 30 -3.68 -11.78 -12.13
N SER A 31 -4.44 -12.60 -11.41
CA SER A 31 -5.60 -13.35 -11.95
C SER A 31 -6.72 -12.37 -12.33
N ALA A 32 -7.70 -12.83 -13.12
CA ALA A 32 -8.93 -12.07 -13.41
C ALA A 32 -9.60 -11.58 -12.13
N GLU A 33 -9.76 -12.45 -11.14
CA GLU A 33 -10.46 -12.10 -9.89
C GLU A 33 -9.63 -11.04 -9.12
N GLU A 34 -8.32 -11.18 -9.06
CA GLU A 34 -7.45 -10.20 -8.34
C GLU A 34 -7.46 -8.86 -9.10
N ILE A 35 -7.45 -8.87 -10.42
CA ILE A 35 -7.53 -7.60 -11.22
C ILE A 35 -8.83 -6.88 -10.86
N ALA A 36 -9.96 -7.57 -10.88
CA ALA A 36 -11.28 -6.97 -10.63
C ALA A 36 -11.23 -6.32 -9.23
N THR A 37 -10.71 -7.06 -8.25
CA THR A 37 -10.67 -6.61 -6.84
C THR A 37 -9.78 -5.38 -6.73
N LEU A 38 -8.61 -5.42 -7.36
CA LEU A 38 -7.64 -4.30 -7.33
C LEU A 38 -8.29 -3.04 -7.89
N GLU A 39 -8.91 -3.18 -9.06
CA GLU A 39 -9.45 -1.98 -9.74
C GLU A 39 -10.63 -1.44 -8.93
N LYS A 40 -11.49 -2.31 -8.41
CA LYS A 40 -12.66 -1.84 -7.64
C LYS A 40 -12.18 -1.11 -6.37
N THR A 41 -11.19 -1.68 -5.70
CA THR A 41 -10.61 -1.12 -4.46
C THR A 41 -10.00 0.25 -4.80
N ALA A 42 -9.12 0.27 -5.79
CA ALA A 42 -8.35 1.47 -6.10
C ALA A 42 -9.29 2.60 -6.54
N LEU A 43 -10.30 2.31 -7.35
CA LEU A 43 -11.21 3.42 -7.81
C LEU A 43 -12.00 3.96 -6.61
N GLU A 44 -12.48 3.09 -5.73
CA GLU A 44 -13.17 3.50 -4.49
C GLU A 44 -12.27 4.39 -3.63
N MET A 45 -11.03 3.99 -3.42
N MET A 45 -11.02 3.98 -3.41
CA MET A 45 -10.09 4.63 -2.46
CA MET A 45 -10.05 4.58 -2.47
C MET A 45 -9.57 5.94 -3.05
C MET A 45 -9.49 5.89 -3.08
N ASN A 46 -9.82 6.21 -4.33
CA ASN A 46 -9.38 7.45 -5.01
C ASN A 46 -10.54 8.23 -5.62
N LYS A 47 -11.78 8.03 -5.17
CA LYS A 47 -12.93 8.68 -5.83
C LYS A 47 -13.05 10.15 -5.44
N ASN A 48 -12.59 10.53 -4.25
CA ASN A 48 -12.76 11.88 -3.67
C ASN A 48 -11.52 12.68 -4.00
N PHE A 49 -11.66 13.82 -4.65
CA PHE A 49 -10.54 14.78 -4.84
C PHE A 49 -10.22 15.45 -3.51
N PRO A 50 -9.02 15.20 -2.96
CA PRO A 50 -8.64 15.77 -1.67
C PRO A 50 -8.53 17.28 -1.78
N THR A 51 -9.22 18.01 -0.90
CA THR A 51 -9.37 19.49 -0.98
C THR A 51 -8.91 20.16 0.33
N SER A 52 -8.08 21.20 0.22
CA SER A 52 -7.69 22.09 1.35
C SER A 52 -8.38 23.44 1.16
N LYS A 53 -8.20 24.40 2.08
CA LYS A 53 -8.85 25.74 1.88
C LYS A 53 -8.16 26.44 0.72
N GLU A 54 -6.86 26.18 0.51
CA GLU A 54 -6.14 26.68 -0.70
C GLU A 54 -6.89 26.22 -1.97
N ASP A 55 -7.37 24.98 -2.01
CA ASP A 55 -8.10 24.44 -3.19
C ASP A 55 -9.43 25.17 -3.41
N GLU A 56 -10.14 25.54 -2.35
CA GLU A 56 -11.42 26.28 -2.50
C GLU A 56 -11.15 27.61 -3.22
N LYS A 57 -10.05 28.29 -2.89
CA LYS A 57 -9.62 29.56 -3.55
C LYS A 57 -9.23 29.32 -5.01
N ASN A 58 -8.66 28.15 -5.31
CA ASN A 58 -8.27 27.80 -6.70
C ASN A 58 -9.52 27.72 -7.58
N LYS A 59 -10.71 27.64 -6.99
CA LYS A 59 -11.97 27.52 -7.77
C LYS A 59 -12.30 28.85 -8.45
N ASP A 60 -11.67 29.95 -8.00
CA ASP A 60 -11.84 31.32 -8.56
C ASP A 60 -10.55 31.77 -9.24
N VAL A 61 -9.57 30.88 -9.40
CA VAL A 61 -8.40 31.18 -10.26
C VAL A 61 -8.69 30.63 -11.67
N MET A 62 -8.95 31.51 -12.63
CA MET A 62 -9.35 31.08 -13.98
C MET A 62 -8.12 31.12 -14.90
N TRP A 63 -7.89 30.01 -15.60
CA TRP A 63 -6.77 29.86 -16.56
C TRP A 63 -7.32 29.82 -17.99
N ASP A 64 -6.69 30.55 -18.89
CA ASP A 64 -7.04 30.54 -20.32
C ASP A 64 -6.17 29.47 -20.96
N ILE A 65 -6.71 28.30 -21.33
CA ILE A 65 -5.91 27.08 -21.69
C ILE A 65 -5.06 27.37 -22.94
N GLN A 66 -5.42 28.33 -23.79
CA GLN A 66 -4.59 28.72 -24.97
C GLN A 66 -3.86 30.05 -24.70
N HIS A 67 -3.57 30.40 -23.46
CA HIS A 67 -2.94 31.70 -23.10
C HIS A 67 -2.12 31.54 -21.81
N LEU A 68 -1.73 30.32 -21.45
CA LEU A 68 -1.16 30.16 -20.10
C LEU A 68 0.18 30.85 -20.11
N SER A 69 0.52 31.47 -18.98
CA SER A 69 1.85 32.07 -18.74
C SER A 69 2.87 30.95 -18.61
N ALA A 70 4.14 31.31 -18.69
CA ALA A 70 5.25 30.35 -18.47
C ALA A 70 5.14 29.72 -17.07
N ASP A 71 4.84 30.52 -16.05
CA ASP A 71 4.76 30.01 -14.66
C ASP A 71 3.61 29.03 -14.54
N GLN A 72 2.48 29.33 -15.19
CA GLN A 72 1.26 28.50 -15.11
C GLN A 72 1.57 27.16 -15.82
N LYS A 73 2.24 27.21 -16.97
CA LYS A 73 2.64 25.94 -17.65
C LYS A 73 3.54 25.13 -16.71
N LYS A 74 4.51 25.77 -16.06
CA LYS A 74 5.45 25.02 -15.21
C LYS A 74 4.65 24.44 -14.03
N GLU A 75 3.71 25.18 -13.44
CA GLU A 75 2.92 24.69 -12.29
C GLU A 75 2.14 23.45 -12.71
N LEU A 76 1.50 23.50 -13.87
CA LEU A 76 0.67 22.40 -14.39
C LEU A 76 1.52 21.14 -14.53
N SER A 77 2.72 21.27 -15.08
CA SER A 77 3.61 20.10 -15.29
C SER A 77 4.14 19.59 -13.93
N VAL A 78 4.50 20.51 -13.04
CA VAL A 78 5.07 20.09 -11.74
C VAL A 78 3.96 19.37 -10.96
N TYR A 79 2.74 19.90 -10.95
CA TYR A 79 1.62 19.29 -10.20
C TYR A 79 1.42 17.83 -10.61
N THR A 80 1.44 17.63 -11.93
CA THR A 80 1.16 16.31 -12.53
C THR A 80 2.34 15.36 -12.28
N THR A 81 3.53 15.89 -12.41
CA THR A 81 4.76 15.08 -12.27
C THR A 81 4.89 14.67 -10.81
N GLU A 82 4.53 15.52 -9.88
CA GLU A 82 4.59 15.14 -8.44
C GLU A 82 3.68 13.95 -8.22
N LEU A 83 2.45 14.00 -8.73
CA LEU A 83 1.53 12.87 -8.48
C LEU A 83 2.11 11.59 -9.09
N LEU A 84 2.58 11.65 -10.32
CA LEU A 84 3.06 10.43 -11.00
C LEU A 84 4.36 9.94 -10.34
N ASN A 85 5.25 10.83 -9.99
CA ASN A 85 6.55 10.45 -9.37
C ASN A 85 6.28 9.78 -8.02
N ASP A 86 5.24 10.18 -7.31
CA ASP A 86 4.90 9.55 -6.01
C ASP A 86 4.67 8.06 -6.27
N VAL A 87 3.90 7.72 -7.28
CA VAL A 87 3.59 6.32 -7.62
C VAL A 87 4.88 5.66 -8.12
N ARG A 88 5.59 6.34 -9.04
CA ARG A 88 6.79 5.73 -9.66
C ARG A 88 7.84 5.43 -8.58
N LYS A 89 8.03 6.33 -7.61
CA LYS A 89 9.03 6.13 -6.56
C LYS A 89 8.58 4.91 -5.71
N LYS A 90 7.30 4.75 -5.44
CA LYS A 90 6.88 3.60 -4.60
C LYS A 90 7.20 2.30 -5.34
N LEU A 91 7.18 2.33 -6.67
CA LEU A 91 7.42 1.12 -7.50
C LEU A 91 8.89 1.01 -7.91
N GLY A 92 9.77 1.86 -7.38
CA GLY A 92 11.21 1.85 -7.64
C GLY A 92 11.54 2.12 -9.09
N LEU A 93 10.75 2.97 -9.75
CA LEU A 93 10.95 3.41 -11.15
C LEU A 93 11.64 4.77 -11.21
N SER A 94 12.31 5.06 -12.33
CA SER A 94 13.03 6.34 -12.48
C SER A 94 12.05 7.48 -12.24
N GLN A 95 12.55 8.56 -11.67
CA GLN A 95 11.79 9.78 -11.30
C GLN A 95 11.83 10.75 -12.47
N LEU A 96 10.77 11.48 -12.70
CA LEU A 96 10.64 12.37 -13.88
C LEU A 96 10.98 13.79 -13.49
N SER A 97 11.63 14.49 -14.41
N SER A 97 11.60 14.51 -14.42
CA SER A 97 11.93 15.92 -14.34
CA SER A 97 11.90 15.94 -14.29
C SER A 97 10.84 16.68 -15.08
C SER A 97 10.96 16.73 -15.17
N VAL A 98 10.74 17.97 -14.77
CA VAL A 98 10.08 18.99 -15.59
C VAL A 98 11.16 19.96 -16.04
N SER A 99 11.19 20.26 -17.33
CA SER A 99 12.17 21.21 -17.90
C SER A 99 11.51 22.16 -18.87
N ASP A 100 12.17 23.25 -19.23
CA ASP A 100 11.70 24.10 -20.35
C ASP A 100 11.52 23.19 -21.58
N GLN A 101 12.41 22.23 -21.77
CA GLN A 101 12.40 21.30 -22.92
C GLN A 101 11.11 20.48 -22.91
N SER A 102 10.77 19.87 -21.78
CA SER A 102 9.57 18.98 -21.70
C SER A 102 8.30 19.81 -21.89
N ILE A 103 8.24 21.00 -21.31
CA ILE A 103 7.08 21.92 -21.42
C ILE A 103 6.91 22.35 -22.88
N LYS A 104 7.98 22.79 -23.50
CA LYS A 104 7.89 23.31 -24.90
C LYS A 104 7.44 22.19 -25.80
N PHE A 105 7.96 20.99 -25.62
CA PHE A 105 7.62 19.85 -26.48
C PHE A 105 6.13 19.59 -26.29
N ALA A 106 5.67 19.49 -25.04
CA ALA A 106 4.24 19.21 -24.80
C ALA A 106 3.33 20.26 -25.45
N TRP A 107 3.68 21.55 -25.32
CA TRP A 107 2.80 22.64 -25.83
C TRP A 107 2.86 22.66 -27.36
N ASP A 108 3.98 22.28 -27.97
CA ASP A 108 4.03 22.13 -29.44
C ASP A 108 3.05 21.01 -29.87
N ILE A 109 3.05 19.89 -29.15
CA ILE A 109 2.09 18.80 -29.51
C ILE A 109 0.68 19.37 -29.44
N ALA A 110 0.38 20.11 -28.37
CA ALA A 110 -0.99 20.63 -28.13
C ALA A 110 -1.37 21.58 -29.27
N LYS A 111 -0.49 22.50 -29.61
CA LYS A 111 -0.71 23.52 -30.67
C LYS A 111 -0.98 22.83 -32.03
N TYR A 112 -0.26 21.76 -32.33
CA TYR A 112 -0.34 21.10 -33.63
C TYR A 112 -1.47 20.07 -33.68
N SER A 113 -2.02 19.69 -32.52
CA SER A 113 -3.08 18.63 -32.49
C SER A 113 -4.43 19.19 -32.95
N ASP A 114 -5.06 18.45 -33.84
CA ASP A 114 -6.39 18.79 -34.43
C ASP A 114 -7.42 18.85 -33.28
N THR A 115 -8.01 20.03 -33.05
CA THR A 115 -8.94 20.21 -31.91
C THR A 115 -10.24 19.46 -32.16
N GLY A 116 -10.47 19.03 -33.40
CA GLY A 116 -11.68 18.31 -33.83
C GLY A 116 -11.50 16.82 -33.65
N GLU A 117 -10.30 16.41 -33.26
CA GLU A 117 -9.89 14.99 -33.24
C GLU A 117 -9.85 14.48 -31.80
N TYR A 118 -10.39 13.29 -31.54
CA TYR A 118 -10.42 12.72 -30.18
C TYR A 118 -9.17 11.84 -30.00
N MET A 119 -8.71 11.15 -31.02
CA MET A 119 -7.57 10.21 -30.86
C MET A 119 -6.26 11.00 -30.91
N HIS A 120 -5.16 10.33 -30.57
CA HIS A 120 -3.80 10.88 -30.80
C HIS A 120 -3.71 11.45 -32.21
N ASP A 121 -3.12 12.64 -32.34
CA ASP A 121 -2.82 13.24 -33.66
C ASP A 121 -1.36 12.90 -33.94
N VAL A 122 -1.12 11.77 -34.57
CA VAL A 122 0.26 11.27 -34.75
C VAL A 122 1.02 12.22 -35.66
N ILE A 123 0.37 12.88 -36.61
CA ILE A 123 1.08 13.86 -37.49
C ILE A 123 1.56 15.01 -36.61
N ALA A 124 0.73 15.49 -35.71
CA ALA A 124 1.08 16.57 -34.78
C ALA A 124 2.23 16.13 -33.86
N ILE A 125 2.15 14.92 -33.32
CA ILE A 125 3.16 14.47 -32.34
C ILE A 125 4.52 14.39 -33.03
N ASN A 126 4.59 13.77 -34.20
CA ASN A 126 5.87 13.64 -34.92
C ASN A 126 6.38 14.98 -35.44
N LYS A 127 5.48 15.88 -35.82
CA LYS A 127 5.95 17.21 -36.27
C LYS A 127 6.58 17.93 -35.08
N ALA A 128 5.93 17.95 -33.95
CA ALA A 128 6.46 18.53 -32.70
C ALA A 128 7.78 17.85 -32.34
N ALA A 129 7.81 16.52 -32.44
CA ALA A 129 9.03 15.78 -32.06
C ALA A 129 10.18 16.29 -32.92
N LYS A 130 9.99 16.33 -34.23
CA LYS A 130 11.12 16.71 -35.11
C LYS A 130 11.60 18.13 -34.75
N GLU A 131 10.66 19.06 -34.53
CA GLU A 131 11.05 20.46 -34.28
C GLU A 131 11.72 20.63 -32.93
N ASN A 132 11.49 19.72 -32.00
CA ASN A 132 12.08 19.77 -30.65
C ASN A 132 13.28 18.83 -30.51
N GLY A 133 13.72 18.21 -31.59
CA GLY A 133 14.94 17.40 -31.62
C GLY A 133 14.69 15.98 -31.18
N PHE A 134 13.44 15.54 -31.13
CA PHE A 134 13.09 14.15 -30.77
C PHE A 134 12.92 13.30 -32.02
N LYS A 135 13.08 12.00 -31.85
CA LYS A 135 12.90 11.01 -32.90
C LYS A 135 11.43 10.96 -33.32
N GLU A 136 11.24 10.75 -34.63
CA GLU A 136 9.88 10.54 -35.16
C GLU A 136 9.61 9.04 -35.30
N TYR A 137 8.36 8.66 -35.19
CA TYR A 137 7.86 7.28 -35.38
C TYR A 137 6.64 7.40 -36.29
N PRO A 138 6.82 7.45 -37.61
CA PRO A 138 5.72 7.74 -38.55
C PRO A 138 4.49 6.86 -38.30
N GLY A 139 3.35 7.50 -38.08
CA GLY A 139 2.06 6.81 -37.87
C GLY A 139 1.82 6.32 -36.45
N MET A 140 2.80 6.46 -35.56
CA MET A 140 2.76 5.91 -34.21
C MET A 140 2.86 7.06 -33.21
N ASN A 141 2.53 6.73 -32.00
CA ASN A 141 2.63 7.67 -30.87
C ASN A 141 3.36 6.94 -29.73
N TYR A 142 4.60 7.32 -29.42
CA TYR A 142 5.26 6.82 -28.20
C TYR A 142 5.57 7.99 -27.27
N TYR A 143 4.83 9.09 -27.32
CA TYR A 143 5.12 10.25 -26.46
C TYR A 143 3.93 10.65 -25.58
N GLU A 144 2.70 10.40 -26.05
CA GLU A 144 1.50 11.02 -25.45
C GLU A 144 0.57 10.02 -24.77
N ASN A 145 0.09 10.39 -23.58
CA ASN A 145 -1.13 9.83 -22.94
C ASN A 145 -2.16 10.97 -22.95
N LEU A 146 -3.29 10.73 -23.57
CA LEU A 146 -4.26 11.80 -23.85
C LEU A 146 -5.54 11.55 -23.03
N GLY A 147 -5.97 12.57 -22.33
CA GLY A 147 -7.26 12.56 -21.62
C GLY A 147 -8.25 13.47 -22.24
N GLY A 148 -9.34 12.96 -22.79
CA GLY A 148 -10.34 13.83 -23.42
C GLY A 148 -11.66 13.77 -22.69
N GLY A 149 -12.30 14.90 -22.53
CA GLY A 149 -13.66 15.00 -21.99
C GLY A 149 -13.67 15.02 -20.46
N TYR A 150 -12.57 15.44 -19.86
CA TYR A 150 -12.45 15.52 -18.40
C TYR A 150 -12.87 16.92 -17.92
N TYR A 151 -12.94 17.90 -18.81
CA TYR A 151 -13.26 19.31 -18.45
C TYR A 151 -13.88 20.05 -19.66
N GLU A 152 -14.37 21.27 -19.45
CA GLU A 152 -15.00 22.13 -20.49
C GLU A 152 -14.36 23.53 -20.45
N THR A 153 -14.27 24.20 -21.60
CA THR A 153 -13.72 25.57 -21.76
C THR A 153 -14.88 26.56 -21.94
N GLU A 154 -15.05 27.54 -21.04
CA GLU A 154 -16.01 28.67 -21.21
C GLU A 154 -15.17 29.86 -21.65
N ASN A 155 -15.23 30.20 -22.93
CA ASN A 155 -14.44 31.34 -23.45
C ASN A 155 -12.96 30.98 -23.34
N GLY A 156 -12.65 29.69 -23.51
CA GLY A 156 -11.29 29.13 -23.38
C GLY A 156 -10.80 29.05 -21.94
N LYS A 157 -11.61 29.36 -20.92
CA LYS A 157 -11.15 29.44 -19.52
C LYS A 157 -11.72 28.30 -18.66
N VAL A 158 -10.98 27.92 -17.62
CA VAL A 158 -11.28 26.77 -16.70
C VAL A 158 -10.52 27.06 -15.41
N SER A 159 -11.07 26.71 -14.25
CA SER A 159 -10.40 27.06 -12.97
C SER A 159 -9.23 26.14 -12.79
N LYS A 160 -8.22 26.63 -12.08
CA LYS A 160 -7.04 25.87 -11.66
C LYS A 160 -7.51 24.64 -10.86
N TYR A 161 -8.50 24.82 -10.00
CA TYR A 161 -9.09 23.70 -9.22
C TYR A 161 -9.52 22.60 -10.18
N THR A 162 -10.33 22.97 -11.17
CA THR A 162 -10.90 22.02 -12.15
C THR A 162 -9.78 21.30 -12.90
N LEU A 163 -8.78 22.01 -13.39
CA LEU A 163 -7.66 21.32 -14.08
C LEU A 163 -6.98 20.33 -13.13
N GLN A 164 -6.73 20.68 -11.86
CA GLN A 164 -6.00 19.75 -10.94
C GLN A 164 -6.89 18.55 -10.66
N GLU A 165 -8.18 18.79 -10.51
CA GLU A 165 -9.17 17.72 -10.25
C GLU A 165 -9.18 16.77 -11.45
N SER A 166 -9.24 17.31 -12.66
CA SER A 166 -9.33 16.50 -13.89
C SER A 166 -8.05 15.67 -14.07
N ILE A 167 -6.91 16.30 -13.84
CA ILE A 167 -5.61 15.60 -14.01
C ILE A 167 -5.54 14.44 -13.03
N ARG A 168 -5.91 14.63 -11.78
CA ARG A 168 -5.79 13.49 -10.85
C ARG A 168 -6.76 12.39 -11.29
N LYS A 169 -7.98 12.71 -11.70
CA LYS A 169 -8.99 11.73 -12.12
C LYS A 169 -8.45 10.98 -13.32
N MET A 170 -7.86 11.71 -14.27
CA MET A 170 -7.22 11.08 -15.45
C MET A 170 -6.13 10.10 -15.04
N LEU A 171 -5.25 10.46 -14.12
CA LEU A 171 -4.19 9.52 -13.71
C LEU A 171 -4.82 8.31 -13.02
N VAL A 172 -5.81 8.52 -12.16
CA VAL A 172 -6.48 7.41 -11.43
C VAL A 172 -7.04 6.45 -12.46
N ASN A 173 -7.69 7.00 -13.47
CA ASN A 173 -8.36 6.16 -14.49
C ASN A 173 -7.33 5.41 -15.32
N MET A 174 -6.20 6.00 -15.61
CA MET A 174 -5.16 5.35 -16.40
C MET A 174 -4.43 4.30 -15.57
N LEU A 175 -4.21 4.55 -14.28
CA LEU A 175 -3.50 3.55 -13.44
C LEU A 175 -4.43 2.39 -13.06
N PHE A 176 -5.73 2.60 -12.86
CA PHE A 176 -6.59 1.56 -12.23
C PHE A 176 -7.81 1.16 -13.06
N ASP A 177 -8.06 1.79 -14.22
CA ASP A 177 -9.29 1.47 -14.97
C ASP A 177 -8.99 1.49 -16.45
N ASP A 178 -7.82 0.99 -16.85
CA ASP A 178 -7.33 1.11 -18.25
C ASP A 178 -7.57 -0.18 -19.04
N GLY A 179 -8.39 -1.10 -18.57
CA GLY A 179 -8.48 -2.45 -19.18
C GLY A 179 -9.23 -2.42 -20.50
N ARG A 180 -10.11 -1.45 -20.73
CA ARG A 180 -10.85 -1.39 -22.02
C ARG A 180 -9.94 -0.80 -23.12
N LEU A 181 -8.71 -0.42 -22.77
CA LEU A 181 -7.74 0.22 -23.70
C LEU A 181 -6.44 -0.59 -23.67
N GLY A 182 -6.57 -1.84 -23.22
CA GLY A 182 -5.51 -2.84 -23.14
C GLY A 182 -4.35 -2.43 -22.25
N TYR A 183 -4.62 -1.60 -21.23
CA TYR A 183 -3.58 -1.15 -20.29
C TYR A 183 -2.42 -0.44 -20.96
N SER A 184 -2.61 0.17 -22.14
CA SER A 184 -1.50 0.95 -22.77
C SER A 184 -1.09 2.13 -21.89
N HIS A 185 -2.04 2.80 -21.25
CA HIS A 185 -1.70 4.01 -20.45
C HIS A 185 -1.05 3.65 -19.11
N LEU A 186 -1.57 2.63 -18.47
CA LEU A 186 -0.87 2.06 -17.28
C LEU A 186 0.61 1.81 -17.63
N HIS A 187 0.86 1.05 -18.70
CA HIS A 187 2.24 0.66 -19.07
C HIS A 187 3.07 1.88 -19.44
N SER A 188 2.45 2.84 -20.13
CA SER A 188 3.20 4.02 -20.53
C SER A 188 3.59 4.92 -19.36
N LEU A 189 2.62 5.26 -18.51
CA LEU A 189 2.86 6.15 -17.36
C LEU A 189 3.90 5.52 -16.43
N LEU A 190 3.96 4.18 -16.37
CA LEU A 190 4.88 3.52 -15.44
C LEU A 190 6.03 2.89 -16.20
N GLN A 191 6.37 3.38 -17.39
CA GLN A 191 7.49 2.77 -18.16
C GLN A 191 8.83 3.07 -17.49
N ASP A 192 9.70 2.07 -17.28
CA ASP A 192 10.95 2.42 -16.57
C ASP A 192 11.87 3.11 -17.59
N GLY A 193 12.69 3.99 -17.10
CA GLY A 193 13.73 4.70 -17.85
C GLY A 193 13.24 6.05 -18.34
N LYS A 194 11.97 6.37 -18.19
CA LYS A 194 11.53 7.75 -18.48
C LYS A 194 12.16 8.74 -17.51
N THR A 195 12.48 9.92 -18.00
CA THR A 195 13.18 10.92 -17.19
C THR A 195 12.51 12.28 -17.26
N ALA A 196 11.46 12.48 -18.08
CA ALA A 196 10.95 13.84 -18.27
C ALA A 196 9.45 13.80 -18.58
N LEU A 197 8.75 14.82 -18.14
CA LEU A 197 7.29 14.94 -18.40
C LEU A 197 6.96 16.40 -18.63
N GLY A 198 6.00 16.63 -19.53
CA GLY A 198 5.37 17.93 -19.74
C GLY A 198 3.87 17.72 -19.89
N VAL A 199 3.05 18.64 -19.42
CA VAL A 199 1.57 18.57 -19.56
C VAL A 199 1.10 19.76 -20.36
N SER A 200 0.30 19.51 -21.38
CA SER A 200 -0.33 20.61 -22.11
C SER A 200 -1.82 20.35 -22.24
N LEU A 201 -2.49 21.33 -22.81
CA LEU A 201 -3.96 21.39 -22.92
C LEU A 201 -4.29 21.90 -24.33
N SER A 202 -5.38 21.43 -24.91
CA SER A 202 -5.80 21.97 -26.22
C SER A 202 -7.33 21.94 -26.29
N GLY A 203 -7.83 22.74 -27.22
CA GLY A 203 -9.27 22.78 -27.42
C GLY A 203 -9.68 24.14 -27.97
N GLU A 204 -10.78 24.13 -28.69
CA GLU A 204 -11.47 25.36 -29.14
C GLU A 204 -12.05 26.06 -27.92
N LYS A 205 -12.36 27.34 -28.06
CA LYS A 205 -12.74 28.26 -26.97
C LYS A 205 -13.99 27.73 -26.29
N ASN A 206 -14.90 27.16 -27.08
CA ASN A 206 -16.19 26.66 -26.61
C ASN A 206 -16.22 25.22 -27.07
N SER A 207 -15.80 24.32 -26.17
CA SER A 207 -15.57 22.89 -26.47
C SER A 207 -16.13 22.09 -25.29
N ILE A 208 -16.80 21.01 -25.63
CA ILE A 208 -17.14 19.95 -24.64
C ILE A 208 -16.11 18.84 -24.75
N SER A 209 -14.99 19.13 -25.40
CA SER A 209 -13.99 18.10 -25.73
C SER A 209 -12.56 18.62 -25.60
N PRO A 210 -12.22 19.53 -24.68
CA PRO A 210 -10.82 19.93 -24.56
C PRO A 210 -10.02 18.77 -23.95
N LYS A 211 -8.71 18.82 -24.17
CA LYS A 211 -7.80 17.71 -23.94
C LYS A 211 -6.73 18.04 -22.94
N ILE A 212 -6.28 16.96 -22.31
CA ILE A 212 -5.05 16.98 -21.49
C ILE A 212 -4.04 16.08 -22.19
N HIS A 213 -2.87 16.61 -22.50
CA HIS A 213 -1.77 15.87 -23.15
C HIS A 213 -0.66 15.65 -22.11
N ILE A 214 -0.46 14.40 -21.70
CA ILE A 214 0.68 14.05 -20.85
C ILE A 214 1.78 13.49 -21.75
N ILE A 215 2.87 14.23 -21.87
CA ILE A 215 4.02 13.95 -22.75
C ILE A 215 5.19 13.48 -21.87
N SER A 216 5.69 12.27 -22.09
CA SER A 216 6.80 11.76 -21.23
C SER A 216 7.71 10.87 -22.03
N TYR A 217 8.98 10.78 -21.64
CA TYR A 217 10.02 10.11 -22.44
C TYR A 217 11.28 10.01 -21.61
N GLY A 218 12.20 9.22 -22.13
CA GLY A 218 13.59 9.21 -21.70
C GLY A 218 14.55 9.79 -22.71
N LYS A 219 15.81 9.89 -22.35
CA LYS A 219 16.78 10.61 -23.20
C LYS A 219 17.02 9.81 -24.48
N GLU A 220 16.69 8.53 -24.51
CA GLU A 220 16.86 7.72 -25.76
C GLU A 220 15.90 8.16 -26.86
N LYS A 221 14.90 8.99 -26.59
CA LYS A 221 13.99 9.51 -27.63
C LYS A 221 14.56 10.71 -28.35
N LEU A 222 15.64 11.31 -27.87
N LEU A 222 15.64 11.31 -27.85
CA LEU A 222 16.23 12.50 -28.52
CA LEU A 222 16.27 12.49 -28.50
C LEU A 222 17.13 12.00 -29.63
C LEU A 222 17.12 11.99 -29.65
N GLU A 223 17.18 12.75 -30.74
CA GLU A 223 18.23 12.48 -31.74
C GLU A 223 19.61 12.67 -31.08
N ASP A 224 20.65 12.04 -31.59
CA ASP A 224 21.98 12.04 -30.94
C ASP A 224 22.57 13.45 -30.76
N SER A 225 22.27 14.35 -31.70
CA SER A 225 22.80 15.74 -31.75
C SER A 225 21.97 16.66 -30.86
N SER A 226 20.79 16.24 -30.39
CA SER A 226 19.84 17.14 -29.69
C SER A 226 20.24 17.40 -28.24
N GLN A 227 20.12 18.66 -27.82
CA GLN A 227 20.44 19.10 -26.44
C GLN A 227 19.31 18.65 -25.49
N TYR A 228 19.65 17.88 -24.48
CA TYR A 228 18.82 17.43 -23.35
C TYR A 228 19.01 18.39 -22.18
N GLN A 229 17.89 18.68 -21.55
CA GLN A 229 17.84 19.59 -20.39
C GLN A 229 17.49 18.73 -19.18
N ASN A 230 18.38 18.70 -18.17
CA ASN A 230 18.09 17.89 -16.96
C ASN A 230 16.81 18.38 -16.26
N GLY A 231 16.57 19.69 -16.20
CA GLY A 231 15.44 20.27 -15.47
C GLY A 231 15.46 19.88 -13.99
N GLU A 232 14.30 19.84 -13.37
CA GLU A 232 14.24 19.57 -11.92
C GLU A 232 13.32 18.37 -11.71
N VAL A 233 13.75 17.40 -10.91
CA VAL A 233 12.87 16.29 -10.49
C VAL A 233 11.76 16.84 -9.58
N ALA A 234 10.49 16.58 -9.93
CA ALA A 234 9.31 17.06 -9.19
C ALA A 234 9.06 16.04 -8.08
N SER A 235 9.05 16.45 -6.84
CA SER A 235 8.91 15.51 -5.70
C SER A 235 8.05 16.16 -4.64
N MET A 236 6.98 15.50 -4.21
CA MET A 236 6.17 15.93 -3.05
C MET A 236 6.42 14.93 -1.92
N LYS A 237 6.27 15.33 -0.65
CA LYS A 237 6.38 14.35 0.48
C LYS A 237 5.23 13.37 0.34
N SER A 238 5.48 12.07 0.49
CA SER A 238 4.43 11.03 0.40
C SER A 238 3.54 11.15 1.63
N LYS A 239 2.29 10.69 1.54
CA LYS A 239 1.40 10.63 2.72
C LYS A 239 2.04 9.78 3.81
N GLU A 240 2.66 8.70 3.41
CA GLU A 240 3.29 7.71 4.33
C GLU A 240 4.47 8.37 5.08
N GLU A 241 5.31 9.13 4.37
CA GLU A 241 6.39 9.97 4.99
C GLU A 241 5.77 10.94 5.99
N LEU A 242 4.70 11.66 5.63
CA LEU A 242 4.05 12.68 6.48
C LEU A 242 3.44 12.03 7.73
N GLN A 243 2.70 10.94 7.55
CA GLN A 243 2.13 10.14 8.68
C GLN A 243 3.29 9.65 9.55
N GLN A 244 4.39 9.13 8.99
CA GLN A 244 5.54 8.57 9.78
C GLN A 244 6.30 9.70 10.50
N GLU A 245 6.14 10.96 10.07
CA GLU A 245 6.71 12.12 10.81
C GLU A 245 5.94 12.30 12.12
N ILE A 246 4.61 12.30 12.07
CA ILE A 246 3.71 12.44 13.25
C ILE A 246 3.89 11.23 14.20
N MET B 1 -19.80 13.53 16.19
CA MET B 1 -20.32 13.28 14.81
C MET B 1 -19.64 12.02 14.24
N THR B 2 -20.10 11.54 13.09
CA THR B 2 -19.51 10.37 12.38
C THR B 2 -18.08 10.70 11.92
N LEU B 3 -17.77 11.96 11.60
CA LEU B 3 -16.39 12.39 11.21
C LEU B 3 -15.44 12.21 12.40
N ASP B 4 -15.78 12.82 13.55
CA ASP B 4 -15.03 12.72 14.82
C ASP B 4 -14.92 11.24 15.22
N ASN B 5 -15.98 10.46 14.98
CA ASN B 5 -16.03 9.00 15.32
C ASN B 5 -14.98 8.23 14.50
N SER B 6 -14.96 8.46 13.19
CA SER B 6 -13.98 7.82 12.28
C SER B 6 -12.58 8.24 12.72
N LYS B 7 -12.38 9.53 12.90
CA LYS B 7 -11.08 10.15 13.27
C LYS B 7 -10.60 9.53 14.59
N GLU B 8 -11.53 9.31 15.52
CA GLU B 8 -11.13 8.79 16.87
C GLU B 8 -10.61 7.38 16.70
N GLU B 9 -11.28 6.57 15.88
CA GLU B 9 -10.89 5.16 15.68
C GLU B 9 -9.54 5.07 14.96
N LEU B 10 -9.14 6.10 14.21
CA LEU B 10 -7.78 6.13 13.62
C LEU B 10 -6.69 6.41 14.67
N LYS B 11 -6.97 7.19 15.73
CA LYS B 11 -5.97 7.45 16.77
C LYS B 11 -5.49 6.12 17.34
N GLY B 12 -4.19 5.86 17.22
CA GLY B 12 -3.58 4.65 17.79
C GLY B 12 -3.97 3.38 17.04
N HIS B 13 -4.52 3.46 15.81
CA HIS B 13 -4.85 2.23 15.02
C HIS B 13 -3.54 1.47 14.82
N LYS B 14 -3.50 0.16 15.16
CA LYS B 14 -2.25 -0.61 15.19
C LYS B 14 -2.10 -1.44 13.91
N GLY B 15 -2.92 -1.17 12.89
CA GLY B 15 -2.77 -1.87 11.61
C GLY B 15 -1.35 -1.84 11.11
N ILE B 16 -0.88 -2.94 10.56
CA ILE B 16 0.47 -3.02 9.99
C ILE B 16 0.44 -2.33 8.63
N ASN B 17 1.42 -1.45 8.41
CA ASN B 17 1.52 -0.65 7.17
C ASN B 17 2.23 -1.50 6.13
N LEU B 18 1.56 -1.87 5.03
CA LEU B 18 2.22 -2.73 4.00
C LEU B 18 3.00 -1.88 3.02
N PRO B 19 4.23 -2.27 2.68
CA PRO B 19 5.05 -1.51 1.73
C PRO B 19 4.56 -1.79 0.32
N PRO B 20 4.94 -0.93 -0.65
CA PRO B 20 4.72 -1.24 -2.05
C PRO B 20 5.40 -2.55 -2.41
N LYS B 21 4.79 -3.29 -3.33
CA LYS B 21 5.29 -4.58 -3.88
C LYS B 21 5.22 -5.71 -2.87
N PHE B 22 4.54 -5.51 -1.74
CA PHE B 22 4.38 -6.62 -0.76
C PHE B 22 3.53 -7.74 -1.35
N SER B 23 3.92 -8.95 -1.05
CA SER B 23 3.20 -10.21 -1.40
C SER B 23 3.67 -11.29 -0.44
N ALA B 24 2.94 -12.41 -0.38
CA ALA B 24 3.26 -13.50 0.53
C ALA B 24 4.55 -14.17 0.06
N ASP B 25 4.94 -13.94 -1.18
CA ASP B 25 6.12 -14.55 -1.82
C ASP B 25 7.14 -13.51 -2.27
N TYR B 26 7.24 -12.35 -1.61
CA TYR B 26 8.09 -11.28 -2.20
C TYR B 26 9.55 -11.73 -2.26
N ASP B 27 9.93 -12.63 -1.33
CA ASP B 27 11.33 -13.09 -1.25
C ASP B 27 11.78 -13.86 -2.50
N THR B 28 10.84 -14.43 -3.25
CA THR B 28 11.17 -15.13 -4.53
C THR B 28 10.73 -14.32 -5.74
N LYS B 29 9.88 -13.33 -5.60
CA LYS B 29 9.35 -12.59 -6.78
C LYS B 29 10.19 -11.34 -7.02
N LEU B 30 10.86 -10.81 -6.02
CA LEU B 30 11.57 -9.51 -6.14
C LEU B 30 13.07 -9.73 -6.26
N SER B 31 13.76 -8.78 -6.86
CA SER B 31 15.24 -8.79 -6.94
C SER B 31 15.83 -8.58 -5.54
N ALA B 32 17.13 -8.87 -5.36
CA ALA B 32 17.85 -8.54 -4.13
C ALA B 32 17.67 -7.06 -3.78
N GLU B 33 17.79 -6.16 -4.77
CA GLU B 33 17.69 -4.70 -4.50
C GLU B 33 16.26 -4.37 -4.04
N GLU B 34 15.26 -4.98 -4.67
CA GLU B 34 13.84 -4.69 -4.38
C GLU B 34 13.54 -5.22 -2.98
N ILE B 35 14.08 -6.39 -2.64
CA ILE B 35 13.86 -6.96 -1.28
C ILE B 35 14.42 -6.00 -0.25
N ALA B 36 15.66 -5.57 -0.43
CA ALA B 36 16.29 -4.69 0.55
C ALA B 36 15.48 -3.38 0.70
N THR B 37 14.99 -2.78 -0.38
CA THR B 37 14.15 -1.57 -0.34
C THR B 37 12.82 -1.83 0.39
N LEU B 38 12.21 -2.96 0.09
CA LEU B 38 10.89 -3.30 0.68
C LEU B 38 11.08 -3.43 2.19
N GLU B 39 12.09 -4.15 2.65
CA GLU B 39 12.22 -4.44 4.10
C GLU B 39 12.57 -3.14 4.82
N LYS B 40 13.49 -2.35 4.27
CA LYS B 40 13.87 -1.04 4.84
C LYS B 40 12.63 -0.15 5.00
N THR B 41 11.84 -0.04 3.95
CA THR B 41 10.61 0.77 3.92
C THR B 41 9.69 0.27 5.03
N ALA B 42 9.42 -1.03 5.03
CA ALA B 42 8.39 -1.61 5.90
C ALA B 42 8.84 -1.49 7.35
N LEU B 43 10.11 -1.71 7.64
CA LEU B 43 10.49 -1.66 9.07
C LEU B 43 10.39 -0.20 9.54
N GLU B 44 10.77 0.77 8.69
CA GLU B 44 10.73 2.20 9.04
C GLU B 44 9.28 2.64 9.27
N MET B 45 8.36 2.20 8.43
N MET B 45 8.37 2.23 8.38
CA MET B 45 6.96 2.66 8.48
CA MET B 45 6.90 2.55 8.40
C MET B 45 6.18 1.88 9.57
C MET B 45 6.23 1.96 9.64
N ASN B 46 6.81 0.91 10.23
CA ASN B 46 6.16 0.14 11.33
C ASN B 46 6.99 0.22 12.62
N LYS B 47 7.96 1.12 12.74
CA LYS B 47 8.92 1.07 13.87
C LYS B 47 8.25 1.54 15.14
N ASN B 48 7.25 2.40 15.01
CA ASN B 48 6.63 3.03 16.20
C ASN B 48 5.31 2.34 16.57
N PHE B 49 5.18 1.92 17.82
CA PHE B 49 3.92 1.24 18.26
C PHE B 49 2.87 2.34 18.38
N PRO B 50 1.80 2.28 17.59
CA PRO B 50 0.75 3.30 17.67
C PRO B 50 0.02 3.25 19.02
N THR B 51 -0.12 4.40 19.67
CA THR B 51 -0.61 4.44 21.07
C THR B 51 -1.69 5.50 21.19
N SER B 52 -2.77 5.12 21.84
CA SER B 52 -3.89 6.01 22.17
C SER B 52 -3.80 6.30 23.67
N LYS B 53 -4.72 7.10 24.18
CA LYS B 53 -4.79 7.35 25.65
C LYS B 53 -5.09 6.04 26.39
N GLU B 54 -5.90 5.15 25.82
CA GLU B 54 -6.22 3.83 26.43
C GLU B 54 -4.96 2.97 26.53
N ASP B 55 -4.10 2.99 25.52
CA ASP B 55 -2.81 2.25 25.56
C ASP B 55 -1.92 2.74 26.72
N GLU B 56 -1.95 4.05 27.02
CA GLU B 56 -1.18 4.60 28.17
C GLU B 56 -1.71 3.97 29.45
N LYS B 57 -3.04 3.81 29.58
CA LYS B 57 -3.65 3.19 30.79
C LYS B 57 -3.30 1.70 30.88
N ASN B 58 -3.17 1.06 29.71
CA ASN B 58 -2.79 -0.37 29.60
C ASN B 58 -1.37 -0.58 30.14
N LYS B 59 -0.53 0.45 30.20
CA LYS B 59 0.82 0.28 30.77
C LYS B 59 0.76 -0.07 32.26
N ASP B 60 -0.36 0.17 32.96
CA ASP B 60 -0.55 -0.18 34.40
C ASP B 60 -1.49 -1.36 34.61
N VAL B 61 -1.97 -1.98 33.55
CA VAL B 61 -2.80 -3.21 33.62
C VAL B 61 -1.85 -4.41 33.52
N MET B 62 -1.55 -5.04 34.65
CA MET B 62 -0.57 -6.13 34.74
C MET B 62 -1.28 -7.47 34.51
N TRP B 63 -0.79 -8.25 33.56
CA TRP B 63 -1.25 -9.62 33.28
C TRP B 63 -0.24 -10.65 33.80
N ASP B 64 -0.76 -11.65 34.51
CA ASP B 64 0.05 -12.79 34.98
C ASP B 64 0.05 -13.85 33.88
N ILE B 65 1.16 -14.01 33.17
CA ILE B 65 1.18 -14.75 31.87
C ILE B 65 0.87 -16.25 32.06
N GLN B 66 1.15 -16.87 33.20
CA GLN B 66 0.82 -18.30 33.41
C GLN B 66 -0.57 -18.43 34.04
N HIS B 67 -1.28 -17.33 34.36
CA HIS B 67 -2.56 -17.41 35.10
C HIS B 67 -3.61 -16.45 34.52
N LEU B 68 -3.72 -16.34 33.19
CA LEU B 68 -4.70 -15.46 32.52
C LEU B 68 -6.10 -16.06 32.64
N SER B 69 -7.11 -15.21 32.64
CA SER B 69 -8.54 -15.58 32.64
C SER B 69 -8.90 -16.07 31.24
N ALA B 70 -10.03 -16.78 31.10
CA ALA B 70 -10.59 -17.10 29.77
C ALA B 70 -10.75 -15.83 28.92
N ASP B 71 -11.28 -14.75 29.49
CA ASP B 71 -11.53 -13.51 28.71
C ASP B 71 -10.18 -12.94 28.26
N GLN B 72 -9.17 -12.95 29.12
CA GLN B 72 -7.83 -12.40 28.77
C GLN B 72 -7.19 -13.24 27.65
N LYS B 73 -7.31 -14.55 27.71
CA LYS B 73 -6.77 -15.39 26.63
C LYS B 73 -7.47 -15.05 25.33
N LYS B 74 -8.81 -14.99 25.34
CA LYS B 74 -9.53 -14.74 24.09
C LYS B 74 -9.15 -13.35 23.56
N GLU B 75 -9.04 -12.38 24.45
CA GLU B 75 -8.66 -11.01 24.05
C GLU B 75 -7.30 -11.04 23.37
N LEU B 76 -6.34 -11.75 23.93
CA LEU B 76 -4.98 -11.79 23.36
C LEU B 76 -5.04 -12.43 21.96
N SER B 77 -5.81 -13.49 21.77
CA SER B 77 -5.94 -14.13 20.44
C SER B 77 -6.67 -13.22 19.47
N VAL B 78 -7.74 -12.50 19.92
CA VAL B 78 -8.51 -11.62 19.02
C VAL B 78 -7.59 -10.47 18.57
N TYR B 79 -6.85 -9.86 19.51
CA TYR B 79 -5.95 -8.75 19.15
C TYR B 79 -5.02 -9.17 18.03
N THR B 80 -4.39 -10.32 18.19
CA THR B 80 -3.34 -10.80 17.28
C THR B 80 -3.96 -11.18 15.94
N THR B 81 -5.12 -11.81 15.97
CA THR B 81 -5.81 -12.28 14.78
C THR B 81 -6.31 -11.08 13.98
N GLU B 82 -6.75 -10.03 14.64
CA GLU B 82 -7.22 -8.82 13.92
C GLU B 82 -6.06 -8.28 13.10
N LEU B 83 -4.86 -8.17 13.69
CA LEU B 83 -3.70 -7.56 13.01
C LEU B 83 -3.35 -8.42 11.81
N LEU B 84 -3.26 -9.72 12.00
CA LEU B 84 -2.82 -10.62 10.93
C LEU B 84 -3.89 -10.77 9.86
N ASN B 85 -5.17 -10.77 10.23
CA ASN B 85 -6.28 -10.80 9.22
C ASN B 85 -6.28 -9.54 8.38
N ASP B 86 -5.92 -8.40 8.95
CA ASP B 86 -5.90 -7.13 8.14
C ASP B 86 -4.91 -7.32 6.97
N VAL B 87 -3.77 -7.89 7.23
CA VAL B 87 -2.76 -8.17 6.20
C VAL B 87 -3.30 -9.24 5.25
N ARG B 88 -3.82 -10.34 5.78
CA ARG B 88 -4.30 -11.47 4.96
C ARG B 88 -5.42 -11.03 4.02
N LYS B 89 -6.33 -10.22 4.54
CA LYS B 89 -7.47 -9.71 3.73
C LYS B 89 -6.93 -8.89 2.56
N LYS B 90 -5.98 -8.01 2.82
CA LYS B 90 -5.43 -7.17 1.72
C LYS B 90 -4.80 -8.05 0.65
N LEU B 91 -4.27 -9.23 0.99
CA LEU B 91 -3.61 -10.11 0.01
C LEU B 91 -4.59 -11.17 -0.52
N GLY B 92 -5.87 -11.12 -0.18
CA GLY B 92 -6.88 -12.04 -0.69
C GLY B 92 -6.75 -13.43 -0.11
N LEU B 93 -6.18 -13.57 1.09
CA LEU B 93 -5.97 -14.89 1.75
C LEU B 93 -7.12 -15.23 2.66
N SER B 94 -7.27 -16.50 3.00
CA SER B 94 -8.34 -16.95 3.92
C SER B 94 -8.21 -16.22 5.27
N GLN B 95 -9.33 -15.85 5.85
CA GLN B 95 -9.40 -15.16 7.15
C GLN B 95 -9.40 -16.15 8.29
N LEU B 96 -8.72 -15.73 9.36
CA LEU B 96 -8.56 -16.58 10.56
C LEU B 96 -9.62 -16.32 11.62
N SER B 97 -10.04 -17.41 12.23
CA SER B 97 -10.96 -17.44 13.38
C SER B 97 -10.20 -17.64 14.67
N VAL B 98 -10.83 -17.21 15.75
CA VAL B 98 -10.46 -17.58 17.14
C VAL B 98 -11.59 -18.46 17.67
N SER B 99 -11.24 -19.58 18.26
CA SER B 99 -12.22 -20.50 18.84
C SER B 99 -11.68 -21.02 20.18
N ASP B 100 -12.57 -21.57 20.97
CA ASP B 100 -12.17 -22.28 22.20
C ASP B 100 -11.18 -23.40 21.83
N GLN B 101 -11.35 -24.01 20.66
CA GLN B 101 -10.41 -25.02 20.17
C GLN B 101 -9.03 -24.41 19.96
N SER B 102 -8.94 -23.33 19.21
CA SER B 102 -7.62 -22.75 18.89
C SER B 102 -6.93 -22.25 20.17
N ILE B 103 -7.66 -21.64 21.09
CA ILE B 103 -7.10 -21.15 22.38
C ILE B 103 -6.56 -22.31 23.22
N LYS B 104 -7.32 -23.38 23.42
CA LYS B 104 -6.87 -24.49 24.27
C LYS B 104 -5.62 -25.13 23.67
N PHE B 105 -5.62 -25.32 22.35
CA PHE B 105 -4.47 -25.95 21.68
C PHE B 105 -3.24 -25.06 21.91
N ALA B 106 -3.37 -23.75 21.69
CA ALA B 106 -2.21 -22.85 21.86
C ALA B 106 -1.73 -22.89 23.32
N TRP B 107 -2.63 -22.87 24.30
CA TRP B 107 -2.18 -22.82 25.70
C TRP B 107 -1.59 -24.17 26.11
N ASP B 108 -2.02 -25.29 25.54
CA ASP B 108 -1.41 -26.58 25.86
C ASP B 108 0.01 -26.58 25.30
N ILE B 109 0.22 -26.04 24.10
CA ILE B 109 1.60 -25.96 23.57
C ILE B 109 2.44 -25.16 24.55
N ALA B 110 1.96 -24.02 24.99
CA ALA B 110 2.75 -23.17 25.91
C ALA B 110 3.07 -23.90 27.23
N LYS B 111 2.08 -24.55 27.82
CA LYS B 111 2.22 -25.25 29.13
C LYS B 111 3.28 -26.35 29.01
N TYR B 112 3.33 -27.02 27.88
CA TYR B 112 4.22 -28.17 27.67
C TYR B 112 5.63 -27.77 27.23
N SER B 113 5.82 -26.52 26.82
CA SER B 113 7.11 -26.07 26.25
C SER B 113 8.13 -25.79 27.34
N ASP B 114 9.33 -26.34 27.18
CA ASP B 114 10.46 -26.14 28.09
C ASP B 114 10.88 -24.65 28.09
N THR B 115 10.74 -23.97 29.22
CA THR B 115 11.00 -22.51 29.27
C THR B 115 12.48 -22.24 29.04
N GLY B 116 13.35 -23.23 29.25
CA GLY B 116 14.79 -23.06 29.06
C GLY B 116 15.21 -23.28 27.63
N GLU B 117 14.31 -23.68 26.77
CA GLU B 117 14.56 -24.07 25.37
C GLU B 117 14.26 -22.84 24.52
N TYR B 118 15.17 -22.42 23.68
CA TYR B 118 14.87 -21.26 22.83
C TYR B 118 14.27 -21.73 21.50
N MET B 119 14.49 -22.98 21.12
CA MET B 119 13.95 -23.57 19.86
C MET B 119 12.45 -23.85 20.04
N HIS B 120 11.75 -24.09 18.95
CA HIS B 120 10.45 -24.82 19.03
C HIS B 120 10.63 -26.03 19.92
N ASP B 121 9.67 -26.27 20.81
CA ASP B 121 9.65 -27.55 21.58
C ASP B 121 8.76 -28.54 20.85
N VAL B 122 9.34 -29.30 19.95
CA VAL B 122 8.55 -30.16 19.06
C VAL B 122 7.88 -31.28 19.88
N ILE B 123 8.50 -31.73 20.97
CA ILE B 123 7.82 -32.70 21.85
C ILE B 123 6.54 -32.06 22.38
N ALA B 124 6.63 -30.85 22.91
CA ALA B 124 5.46 -30.12 23.43
C ALA B 124 4.40 -29.93 22.36
N ILE B 125 4.81 -29.47 21.18
CA ILE B 125 3.83 -29.16 20.11
C ILE B 125 3.09 -30.45 19.75
N ASN B 126 3.82 -31.54 19.56
CA ASN B 126 3.18 -32.81 19.15
C ASN B 126 2.35 -33.40 20.29
N LYS B 127 2.76 -33.23 21.52
CA LYS B 127 1.99 -33.75 22.67
C LYS B 127 0.65 -33.00 22.75
N ALA B 128 0.69 -31.68 22.67
CA ALA B 128 -0.53 -30.85 22.63
C ALA B 128 -1.41 -31.23 21.42
N ALA B 129 -0.78 -31.44 20.26
CA ALA B 129 -1.57 -31.77 19.04
C ALA B 129 -2.34 -33.04 19.34
N LYS B 130 -1.67 -34.09 19.79
CA LYS B 130 -2.33 -35.41 19.99
C LYS B 130 -3.47 -35.25 21.00
N GLU B 131 -3.22 -34.53 22.08
CA GLU B 131 -4.27 -34.35 23.10
C GLU B 131 -5.49 -33.60 22.58
N ASN B 132 -5.29 -32.70 21.61
CA ASN B 132 -6.33 -31.81 21.05
C ASN B 132 -6.91 -32.37 19.73
N GLY B 133 -6.56 -33.60 19.33
CA GLY B 133 -7.08 -34.24 18.11
C GLY B 133 -6.46 -33.78 16.82
N PHE B 134 -5.26 -33.19 16.88
CA PHE B 134 -4.52 -32.69 15.72
C PHE B 134 -3.47 -33.72 15.35
N LYS B 135 -3.12 -33.75 14.07
CA LYS B 135 -2.05 -34.64 13.57
C LYS B 135 -0.69 -34.26 14.19
N GLU B 136 0.11 -35.27 14.48
CA GLU B 136 1.50 -35.12 14.93
C GLU B 136 2.47 -35.22 13.75
N TYR B 137 3.61 -34.55 13.89
CA TYR B 137 4.73 -34.54 12.90
C TYR B 137 6.00 -34.75 13.71
N PRO B 138 6.27 -35.99 14.16
CA PRO B 138 7.37 -36.25 15.11
C PRO B 138 8.69 -35.59 14.70
N GLY B 139 9.23 -34.80 15.64
CA GLY B 139 10.51 -34.10 15.48
C GLY B 139 10.39 -32.83 14.69
N MET B 140 9.18 -32.43 14.30
CA MET B 140 8.96 -31.31 13.38
C MET B 140 7.88 -30.39 13.93
N ASN B 141 7.87 -29.16 13.41
CA ASN B 141 6.91 -28.11 13.84
C ASN B 141 6.08 -27.64 12.65
N TYR B 142 4.79 -27.98 12.64
CA TYR B 142 3.84 -27.52 11.59
C TYR B 142 2.76 -26.61 12.18
N TYR B 143 2.92 -26.09 13.39
CA TYR B 143 1.83 -25.32 14.04
C TYR B 143 2.26 -23.96 14.58
N GLU B 144 3.56 -23.76 14.93
CA GLU B 144 3.97 -22.66 15.80
C GLU B 144 4.85 -21.68 15.03
N ASN B 145 4.59 -20.43 15.23
CA ASN B 145 5.55 -19.32 14.98
C ASN B 145 5.90 -18.75 16.36
N LEU B 146 7.18 -18.78 16.71
CA LEU B 146 7.62 -18.50 18.09
C LEU B 146 8.46 -17.23 18.10
N GLY B 147 8.16 -16.37 19.07
CA GLY B 147 8.97 -15.15 19.31
C GLY B 147 9.48 -15.19 20.72
N GLY B 148 10.80 -15.22 20.91
CA GLY B 148 11.45 -15.23 22.24
C GLY B 148 12.13 -13.90 22.55
N GLY B 149 12.07 -13.47 23.81
CA GLY B 149 12.76 -12.24 24.25
C GLY B 149 12.13 -10.97 23.70
N TYR B 150 10.87 -10.99 23.36
CA TYR B 150 10.14 -9.78 22.90
C TYR B 150 9.64 -8.98 24.10
N TYR B 151 9.59 -9.62 25.25
CA TYR B 151 9.13 -8.95 26.51
C TYR B 151 9.90 -9.59 27.67
N GLU B 152 9.71 -9.05 28.86
CA GLU B 152 10.30 -9.62 30.08
C GLU B 152 9.18 -9.86 31.07
N THR B 153 9.36 -10.82 31.95
CA THR B 153 8.43 -11.07 33.06
C THR B 153 9.04 -10.57 34.36
N GLU B 154 8.22 -9.98 35.20
CA GLU B 154 8.58 -9.56 36.56
C GLU B 154 7.52 -10.12 37.50
N ASN B 155 7.91 -11.00 38.41
CA ASN B 155 6.95 -11.68 39.31
C ASN B 155 5.84 -12.28 38.43
N GLY B 156 6.21 -12.82 37.27
CA GLY B 156 5.26 -13.55 36.39
C GLY B 156 4.40 -12.63 35.54
N LYS B 157 4.58 -11.31 35.68
CA LYS B 157 3.66 -10.31 35.11
C LYS B 157 4.31 -9.44 34.04
N VAL B 158 3.46 -8.88 33.21
N VAL B 158 3.46 -9.03 33.10
CA VAL B 158 3.84 -7.97 32.12
CA VAL B 158 3.74 -8.12 31.95
C VAL B 158 2.58 -7.18 31.80
C VAL B 158 2.54 -7.17 31.85
N SER B 159 2.74 -5.91 31.42
CA SER B 159 1.57 -5.03 31.19
C SER B 159 0.88 -5.48 29.89
N LYS B 160 -0.43 -5.29 29.85
CA LYS B 160 -1.22 -5.48 28.62
C LYS B 160 -0.63 -4.63 27.47
N TYR B 161 -0.17 -3.41 27.73
CA TYR B 161 0.45 -2.54 26.71
C TYR B 161 1.65 -3.29 26.10
N THR B 162 2.53 -3.76 26.97
CA THR B 162 3.80 -4.40 26.54
C THR B 162 3.47 -5.63 25.73
N LEU B 163 2.52 -6.45 26.19
CA LEU B 163 2.17 -7.66 25.41
C LEU B 163 1.70 -7.23 24.01
N GLN B 164 0.85 -6.24 23.92
CA GLN B 164 0.31 -5.84 22.59
C GLN B 164 1.44 -5.25 21.75
N GLU B 165 2.33 -4.49 22.37
CA GLU B 165 3.48 -3.85 21.67
C GLU B 165 4.36 -4.99 21.14
N SER B 166 4.58 -6.01 21.99
CA SER B 166 5.48 -7.15 21.65
C SER B 166 4.93 -7.98 20.50
N ILE B 167 3.64 -8.27 20.52
CA ILE B 167 3.03 -9.07 19.46
C ILE B 167 3.10 -8.33 18.12
N ARG B 168 2.83 -7.04 18.14
CA ARG B 168 2.83 -6.30 16.88
C ARG B 168 4.26 -6.28 16.34
N LYS B 169 5.24 -6.11 17.22
CA LYS B 169 6.67 -6.09 16.78
C LYS B 169 7.07 -7.46 16.20
N MET B 170 6.61 -8.53 16.81
CA MET B 170 6.91 -9.90 16.31
C MET B 170 6.32 -10.09 14.92
N LEU B 171 5.07 -9.68 14.71
CA LEU B 171 4.43 -9.84 13.40
C LEU B 171 5.18 -8.99 12.37
N VAL B 172 5.57 -7.76 12.72
CA VAL B 172 6.33 -6.88 11.79
C VAL B 172 7.66 -7.56 11.42
N ASN B 173 8.37 -8.11 12.40
CA ASN B 173 9.67 -8.75 12.13
C ASN B 173 9.48 -10.01 11.29
N MET B 174 8.38 -10.73 11.48
CA MET B 174 8.17 -11.96 10.69
C MET B 174 7.75 -11.58 9.26
N LEU B 175 6.98 -10.55 9.07
CA LEU B 175 6.46 -10.19 7.75
C LEU B 175 7.54 -9.49 6.93
N PHE B 176 8.43 -8.71 7.54
CA PHE B 176 9.32 -7.79 6.79
C PHE B 176 10.80 -8.00 7.11
N ASP B 177 11.17 -8.83 8.08
CA ASP B 177 12.60 -8.97 8.42
C ASP B 177 12.96 -10.44 8.69
N ASP B 178 12.43 -11.35 7.86
CA ASP B 178 12.56 -12.80 8.17
C ASP B 178 13.66 -13.41 7.30
N GLY B 179 14.49 -12.62 6.62
CA GLY B 179 15.51 -13.13 5.67
C GLY B 179 16.56 -14.08 6.26
N ARG B 180 17.04 -13.80 7.45
CA ARG B 180 18.05 -14.63 8.15
C ARG B 180 17.46 -15.98 8.49
N LEU B 181 16.13 -16.05 8.62
CA LEU B 181 15.42 -17.31 9.00
C LEU B 181 14.83 -17.98 7.75
N GLY B 182 15.27 -17.58 6.57
CA GLY B 182 14.83 -18.15 5.28
C GLY B 182 13.35 -17.92 4.96
N TYR B 183 12.75 -16.88 5.52
CA TYR B 183 11.38 -16.45 5.22
C TYR B 183 10.35 -17.49 5.64
N SER B 184 10.68 -18.44 6.52
CA SER B 184 9.73 -19.50 6.92
C SER B 184 8.55 -18.89 7.66
N HIS B 185 8.78 -17.86 8.47
CA HIS B 185 7.70 -17.20 9.28
C HIS B 185 6.78 -16.39 8.35
N LEU B 186 7.36 -15.61 7.46
CA LEU B 186 6.57 -14.87 6.45
C LEU B 186 5.62 -15.84 5.77
N HIS B 187 6.15 -16.97 5.32
CA HIS B 187 5.34 -17.89 4.51
C HIS B 187 4.30 -18.58 5.40
N SER B 188 4.64 -18.89 6.64
CA SER B 188 3.69 -19.59 7.57
C SER B 188 2.54 -18.65 7.95
N LEU B 189 2.85 -17.40 8.30
CA LEU B 189 1.80 -16.46 8.75
C LEU B 189 0.85 -16.16 7.60
N LEU B 190 1.32 -16.24 6.35
CA LEU B 190 0.49 -15.85 5.21
C LEU B 190 0.08 -17.10 4.40
N GLN B 191 0.18 -18.29 4.96
CA GLN B 191 -0.20 -19.52 4.21
C GLN B 191 -1.72 -19.52 3.94
N ASP B 192 -2.07 -19.67 2.67
CA ASP B 192 -3.51 -19.70 2.30
C ASP B 192 -4.08 -21.01 2.82
N GLY B 193 -5.36 -20.97 3.19
CA GLY B 193 -6.11 -22.16 3.63
C GLY B 193 -6.11 -22.26 5.12
N LYS B 194 -5.25 -21.52 5.83
CA LYS B 194 -5.34 -21.48 7.33
C LYS B 194 -6.63 -20.75 7.71
N THR B 195 -7.27 -21.19 8.76
CA THR B 195 -8.59 -20.62 9.13
C THR B 195 -8.71 -20.37 10.63
N ALA B 196 -7.68 -20.70 11.41
CA ALA B 196 -7.77 -20.58 12.87
C ALA B 196 -6.42 -20.13 13.45
N LEU B 197 -6.47 -19.40 14.55
CA LEU B 197 -5.30 -18.90 15.29
C LEU B 197 -5.56 -18.84 16.80
N GLY B 198 -4.52 -19.20 17.55
CA GLY B 198 -4.49 -19.03 19.02
C GLY B 198 -3.16 -18.49 19.40
N VAL B 199 -3.11 -17.55 20.34
N VAL B 199 -3.10 -17.62 20.40
CA VAL B 199 -1.83 -17.01 20.89
CA VAL B 199 -1.79 -17.09 20.88
C VAL B 199 -1.71 -17.49 22.35
C VAL B 199 -1.63 -17.35 22.38
N SER B 200 -0.51 -17.94 22.71
CA SER B 200 -0.18 -18.27 24.09
C SER B 200 1.22 -17.73 24.42
N LEU B 201 1.49 -17.77 25.73
CA LEU B 201 2.67 -17.16 26.38
C LEU B 201 3.31 -18.21 27.30
N SER B 202 4.63 -18.21 27.37
CA SER B 202 5.28 -19.06 28.37
C SER B 202 6.55 -18.37 28.86
N GLY B 203 7.03 -18.79 30.01
CA GLY B 203 8.27 -18.22 30.55
C GLY B 203 8.32 -18.34 32.05
N GLU B 204 9.55 -18.28 32.57
CA GLU B 204 9.71 -18.23 34.04
C GLU B 204 9.25 -16.87 34.56
N LYS B 205 9.16 -16.76 35.89
CA LYS B 205 8.55 -15.63 36.60
C LYS B 205 9.41 -14.38 36.44
N ASN B 206 10.74 -14.50 36.35
CA ASN B 206 11.65 -13.34 36.26
C ASN B 206 12.61 -13.59 35.13
N SER B 207 12.11 -13.41 33.91
CA SER B 207 12.84 -13.85 32.70
C SER B 207 12.95 -12.74 31.67
N ILE B 208 14.08 -12.70 30.97
CA ILE B 208 14.25 -11.88 29.75
C ILE B 208 14.13 -12.71 28.48
N SER B 209 13.73 -13.98 28.62
CA SER B 209 13.53 -14.84 27.44
C SER B 209 12.14 -15.49 27.39
N PRO B 210 11.06 -14.87 27.90
CA PRO B 210 9.73 -15.47 27.77
C PRO B 210 9.27 -15.39 26.30
N LYS B 211 8.24 -16.17 26.00
CA LYS B 211 7.89 -16.50 24.62
C LYS B 211 6.46 -16.12 24.28
N ILE B 212 6.28 -15.91 22.98
CA ILE B 212 4.95 -15.73 22.35
C ILE B 212 4.86 -16.89 21.38
N HIS B 213 3.81 -17.66 21.52
CA HIS B 213 3.46 -18.80 20.65
C HIS B 213 2.26 -18.47 19.79
N ILE B 214 2.48 -18.28 18.48
CA ILE B 214 1.38 -18.08 17.52
C ILE B 214 1.10 -19.43 16.85
N ILE B 215 -0.08 -19.95 17.13
CA ILE B 215 -0.46 -21.29 16.67
C ILE B 215 -1.55 -21.09 15.61
N SER B 216 -1.36 -21.65 14.41
CA SER B 216 -2.37 -21.45 13.35
C SER B 216 -2.37 -22.66 12.43
N TYR B 217 -3.52 -22.90 11.80
CA TYR B 217 -3.79 -24.10 11.02
C TYR B 217 -5.14 -23.93 10.30
N GLY B 218 -5.40 -24.88 9.41
CA GLY B 218 -6.76 -25.13 8.93
C GLY B 218 -7.22 -26.53 9.29
N LYS B 219 -8.44 -26.87 8.85
CA LYS B 219 -9.15 -28.07 9.32
C LYS B 219 -8.41 -29.33 8.89
N GLU B 220 -7.52 -29.22 7.90
CA GLU B 220 -6.80 -30.39 7.34
C GLU B 220 -5.83 -30.95 8.40
N LYS B 221 -5.55 -30.19 9.46
CA LYS B 221 -4.59 -30.65 10.48
C LYS B 221 -5.26 -31.50 11.54
N LEU B 222 -6.59 -31.48 11.62
CA LEU B 222 -7.32 -32.38 12.54
C LEU B 222 -7.27 -33.83 12.06
N GLU B 223 -7.20 -34.77 12.99
CA GLU B 223 -7.35 -36.20 12.63
C GLU B 223 -8.73 -36.42 12.00
N ASP B 224 -9.74 -35.75 12.56
CA ASP B 224 -11.15 -35.81 12.07
C ASP B 224 -11.60 -34.39 11.80
N SER B 225 -11.60 -33.98 10.55
CA SER B 225 -11.91 -32.60 10.11
C SER B 225 -13.34 -32.20 10.52
N SER B 226 -14.21 -33.17 10.81
CA SER B 226 -15.60 -32.92 11.30
C SER B 226 -15.53 -32.32 12.70
N GLN B 227 -14.37 -32.43 13.38
CA GLN B 227 -14.18 -31.90 14.76
C GLN B 227 -13.67 -30.44 14.73
N TYR B 228 -13.68 -29.78 13.58
CA TYR B 228 -13.19 -28.38 13.50
C TYR B 228 -14.24 -27.44 14.07
N GLN B 229 -13.84 -26.60 15.01
CA GLN B 229 -14.70 -25.55 15.60
C GLN B 229 -14.55 -24.26 14.76
N ASN B 230 -15.65 -23.75 14.22
CA ASN B 230 -15.60 -22.60 13.28
C ASN B 230 -15.16 -21.34 14.01
N GLY B 231 -15.58 -21.15 15.29
CA GLY B 231 -15.18 -19.93 16.03
C GLY B 231 -15.67 -18.67 15.33
N GLU B 232 -15.00 -17.56 15.52
CA GLU B 232 -15.42 -16.24 15.02
C GLU B 232 -14.23 -15.57 14.35
N VAL B 233 -14.40 -15.10 13.13
CA VAL B 233 -13.36 -14.35 12.41
C VAL B 233 -13.11 -13.08 13.20
N ALA B 234 -11.85 -12.81 13.54
CA ALA B 234 -11.49 -11.57 14.23
C ALA B 234 -11.18 -10.53 13.16
N SER B 235 -11.89 -9.41 13.17
CA SER B 235 -11.80 -8.40 12.11
C SER B 235 -11.83 -7.03 12.77
N MET B 236 -10.94 -6.15 12.33
CA MET B 236 -11.02 -4.69 12.64
C MET B 236 -11.20 -3.91 11.32
N LYS B 237 -11.83 -2.73 11.33
CA LYS B 237 -11.77 -1.85 10.14
C LYS B 237 -10.32 -1.47 9.87
N SER B 238 -9.91 -1.53 8.61
CA SER B 238 -8.57 -1.14 8.18
C SER B 238 -8.40 0.37 8.26
N LYS B 239 -7.16 0.81 8.30
CA LYS B 239 -6.82 2.24 8.30
C LYS B 239 -7.35 2.82 6.99
N GLU B 240 -7.20 2.09 5.88
CA GLU B 240 -7.60 2.59 4.54
C GLU B 240 -9.10 2.78 4.52
N GLU B 241 -9.84 1.86 5.14
CA GLU B 241 -11.31 1.99 5.23
C GLU B 241 -11.65 3.23 6.05
N LEU B 242 -11.01 3.41 7.21
CA LEU B 242 -11.40 4.57 8.04
C LEU B 242 -11.06 5.85 7.28
N GLN B 243 -9.90 5.87 6.59
CA GLN B 243 -9.46 7.10 5.87
C GLN B 243 -10.47 7.41 4.78
N GLN B 244 -10.99 6.38 4.11
CA GLN B 244 -12.02 6.58 3.06
C GLN B 244 -13.31 7.13 3.70
N GLU B 245 -13.71 6.70 4.90
CA GLU B 245 -14.90 7.29 5.59
C GLU B 245 -14.72 8.80 5.79
N ILE B 246 -13.53 9.20 6.25
CA ILE B 246 -13.12 10.60 6.46
C ILE B 246 -13.16 11.30 5.10
N ALA B 247 -12.48 10.74 4.09
CA ALA B 247 -12.37 11.37 2.74
C ALA B 247 -13.77 11.65 2.19
N SER B 248 -14.70 10.72 2.38
CA SER B 248 -16.02 10.77 1.70
C SER B 248 -17.05 11.52 2.57
N ASN B 249 -16.68 11.91 3.79
CA ASN B 249 -17.56 12.64 4.73
C ASN B 249 -17.02 14.06 4.90
#